data_4ZES
#
_entry.id   4ZES
#
_cell.length_a   37.713
_cell.length_b   69.576
_cell.length_c   117.506
_cell.angle_alpha   90.000
_cell.angle_beta   90.000
_cell.angle_gamma   90.000
#
_symmetry.space_group_name_H-M   'P 2 21 21'
#
loop_
_entity.id
_entity.type
_entity.pdbx_description
1 polymer 'C-type lectin domain family 4 member C'
2 non-polymer 'methyl alpha-D-mannopyranoside'
3 non-polymer 'CALCIUM ION'
4 non-polymer 'MAGNESIUM ION'
5 water water
#
_entity_poly.entity_id   1
_entity_poly.type   'polypeptide(L)'
_entity_poly.pdbx_seq_one_letter_code
;ALTCVMEGKDIEDWSCCPTPWTSFQSSCYFISTGMQSWTKSQKNCSVMGADLVVINTREEQDFIIQNLKRNSSYFLGLSD
PGGRRHWQWVDQTPYNENVTFWHSGEPNNLDERCAIINFRSSEEWGWNDIHCHVPQKSICKMKKIYI
;
_entity_poly.pdbx_strand_id   A,B
#
loop_
_chem_comp.id
_chem_comp.type
_chem_comp.name
_chem_comp.formula
CA non-polymer 'CALCIUM ION' 'Ca 2'
MG non-polymer 'MAGNESIUM ION' 'Mg 2'
MMA D-saccharide 'methyl alpha-D-mannopyranoside' 'C7 H14 O6'
#
# COMPACT_ATOMS: atom_id res chain seq x y z
N ALA A 1 24.89 4.73 18.24
CA ALA A 1 24.50 6.11 18.02
C ALA A 1 23.41 6.19 16.97
N LEU A 2 22.60 7.23 17.04
CA LEU A 2 21.57 7.49 16.05
C LEU A 2 21.94 8.68 15.18
N THR A 3 21.53 8.62 13.91
CA THR A 3 21.60 9.77 13.01
C THR A 3 20.19 10.32 12.85
N CYS A 4 20.03 11.59 13.17
CA CYS A 4 18.71 12.21 13.21
C CYS A 4 18.60 13.39 12.25
N VAL A 5 17.46 13.49 11.57
CA VAL A 5 17.18 14.64 10.72
C VAL A 5 15.80 15.19 10.97
N MET A 6 15.58 16.43 10.55
CA MET A 6 14.32 17.12 10.78
C MET A 6 13.31 16.88 9.68
N GLU A 7 12.10 16.48 10.05
CA GLU A 7 10.99 16.31 9.10
C GLU A 7 10.33 17.65 8.83
N GLY A 8 10.33 18.05 7.56
CA GLY A 8 9.82 19.35 7.19
C GLY A 8 10.61 20.44 7.85
N LYS A 9 9.92 21.51 8.25
CA LYS A 9 10.56 22.64 8.90
C LYS A 9 10.21 22.67 10.38
N ASP A 10 9.53 21.63 10.85
CA ASP A 10 9.16 21.55 12.27
C ASP A 10 10.38 21.21 13.10
N ILE A 11 10.84 22.16 13.90
CA ILE A 11 12.10 22.00 14.64
C ILE A 11 12.00 20.96 15.75
N GLU A 12 10.81 20.40 15.98
CA GLU A 12 10.69 19.35 16.98
C GLU A 12 10.58 17.97 16.37
N ASP A 13 10.42 17.91 15.06
CA ASP A 13 10.20 16.62 14.44
C ASP A 13 11.51 16.04 13.95
N TRP A 14 12.23 15.41 14.88
CA TRP A 14 13.48 14.72 14.57
C TRP A 14 13.26 13.22 14.52
N SER A 15 13.62 12.61 13.40
CA SER A 15 13.51 11.15 13.25
C SER A 15 14.89 10.59 12.98
N CYS A 16 15.12 9.37 13.44
CA CYS A 16 16.47 8.81 13.57
C CYS A 16 16.58 7.37 13.09
N CYS A 17 17.78 7.00 12.65
CA CYS A 17 18.20 5.64 12.34
C CYS A 17 19.54 5.35 12.99
N PRO A 18 19.86 4.07 13.27
CA PRO A 18 21.24 3.73 13.64
C PRO A 18 22.22 4.19 12.57
N THR A 19 23.43 4.59 12.95
CA THR A 19 24.30 5.29 12.00
C THR A 19 24.66 4.55 10.70
N PRO A 20 24.76 3.20 10.71
CA PRO A 20 25.09 2.54 9.45
C PRO A 20 23.93 2.46 8.46
N TRP A 21 22.77 2.97 8.85
CA TRP A 21 21.55 2.88 8.03
C TRP A 21 21.34 4.17 7.26
N THR A 22 20.50 4.12 6.24
CA THR A 22 20.11 5.33 5.51
C THR A 22 18.64 5.55 5.74
N SER A 23 18.18 6.78 5.50
CA SER A 23 16.79 7.09 5.81
CA SER A 23 16.82 7.16 5.83
CA SER A 23 16.81 7.14 5.82
C SER A 23 16.06 7.68 4.62
N PHE A 24 14.77 7.38 4.56
CA PHE A 24 13.88 7.92 3.55
C PHE A 24 12.48 7.93 4.10
N GLN A 25 11.86 9.11 4.03
CA GLN A 25 10.57 9.38 4.66
C GLN A 25 10.59 8.85 6.08
N SER A 26 9.73 7.88 6.40
CA SER A 26 9.64 7.43 7.80
C SER A 26 10.30 6.09 8.06
N SER A 27 11.23 5.69 7.19
CA SER A 27 11.88 4.40 7.35
C SER A 27 13.41 4.48 7.32
N CYS A 28 14.03 3.46 7.90
CA CYS A 28 15.48 3.23 7.87
C CYS A 28 15.77 2.04 6.98
N TYR A 29 16.87 2.10 6.25
CA TYR A 29 17.26 1.01 5.33
C TYR A 29 18.71 0.59 5.57
N PHE A 30 18.95 -0.72 5.57
CA PHE A 30 20.31 -1.24 5.72
C PHE A 30 20.64 -2.17 4.57
N ILE A 31 21.79 -1.97 3.94
CA ILE A 31 22.22 -2.88 2.87
C ILE A 31 23.15 -3.94 3.44
N SER A 32 22.71 -5.19 3.41
CA SER A 32 23.48 -6.32 3.92
C SER A 32 24.25 -6.96 2.78
N THR A 33 25.57 -6.86 2.81
CA THR A 33 26.37 -7.26 1.65
C THR A 33 26.90 -8.68 1.74
N GLY A 34 26.61 -9.37 2.84
CA GLY A 34 26.92 -10.79 2.94
C GLY A 34 25.96 -11.61 2.08
N MET A 35 26.43 -12.71 1.50
CA MET A 35 25.58 -13.58 0.68
C MET A 35 24.91 -14.66 1.52
N GLN A 36 23.59 -14.62 1.57
CA GLN A 36 22.82 -15.58 2.35
C GLN A 36 21.54 -15.92 1.61
N SER A 37 20.97 -17.07 1.94
CA SER A 37 19.66 -17.49 1.43
C SER A 37 18.58 -16.50 1.87
N TRP A 38 17.41 -16.59 1.26
CA TRP A 38 16.33 -15.66 1.59
C TRP A 38 15.94 -15.80 3.07
N THR A 39 15.82 -17.04 3.55
CA THR A 39 15.36 -17.24 4.92
C THR A 39 16.41 -16.73 5.90
N LYS A 40 17.68 -16.99 5.61
CA LYS A 40 18.76 -16.51 6.49
C LYS A 40 18.83 -14.98 6.44
N SER A 41 18.54 -14.40 5.28
CA SER A 41 18.50 -12.93 5.17
C SER A 41 17.39 -12.30 6.00
N GLN A 42 16.20 -12.90 5.96
CA GLN A 42 15.10 -12.39 6.77
C GLN A 42 15.43 -12.52 8.25
N LYS A 43 16.03 -13.64 8.62
CA LYS A 43 16.47 -13.83 10.00
C LYS A 43 17.48 -12.76 10.41
N ASN A 44 18.42 -12.48 9.52
CA ASN A 44 19.42 -11.46 9.78
C ASN A 44 18.80 -10.06 9.95
N CYS A 45 17.83 -9.73 9.10
CA CYS A 45 17.11 -8.47 9.27
C CYS A 45 16.38 -8.45 10.61
N SER A 46 15.83 -9.60 10.99
CA SER A 46 15.06 -9.70 12.22
C SER A 46 15.95 -9.45 13.44
N VAL A 47 17.16 -9.98 13.39
CA VAL A 47 18.14 -9.81 14.47
C VAL A 47 18.46 -8.33 14.71
N MET A 48 18.46 -7.53 13.65
CA MET A 48 18.77 -6.11 13.83
C MET A 48 17.51 -5.31 14.08
N GLY A 49 16.39 -6.02 14.32
CA GLY A 49 15.12 -5.39 14.65
C GLY A 49 14.28 -4.95 13.46
N ALA A 50 14.56 -5.52 12.30
CA ALA A 50 13.93 -5.09 11.05
C ALA A 50 13.33 -6.27 10.27
N ASP A 51 13.05 -6.01 9.00
CA ASP A 51 12.57 -7.05 8.09
C ASP A 51 13.22 -6.86 6.73
N LEU A 52 13.26 -7.91 5.91
CA LEU A 52 13.58 -7.70 4.50
C LEU A 52 12.68 -6.60 3.92
N VAL A 53 13.20 -5.83 2.98
CA VAL A 53 12.52 -4.62 2.55
C VAL A 53 11.19 -4.92 1.86
N VAL A 54 10.19 -4.12 2.22
CA VAL A 54 8.89 -4.10 1.57
C VAL A 54 8.76 -2.76 0.83
N ILE A 55 8.55 -2.84 -0.49
CA ILE A 55 8.53 -1.65 -1.34
C ILE A 55 7.09 -1.25 -1.65
N ASN A 56 6.71 -0.06 -1.16
CA ASN A 56 5.34 0.46 -1.21
C ASN A 56 5.06 1.34 -2.42
N THR A 57 6.08 2.05 -2.91
CA THR A 57 5.90 3.03 -3.99
C THR A 57 7.11 3.09 -4.92
N ARG A 58 6.92 3.67 -6.10
CA ARG A 58 8.02 3.92 -7.02
C ARG A 58 9.04 4.85 -6.37
N GLU A 59 8.54 5.86 -5.65
CA GLU A 59 9.42 6.84 -5.00
C GLU A 59 10.36 6.14 -4.04
N GLU A 60 9.81 5.19 -3.29
CA GLU A 60 10.62 4.40 -2.36
C GLU A 60 11.68 3.58 -3.10
N GLN A 61 11.26 2.92 -4.17
CA GLN A 61 12.23 2.15 -4.92
C GLN A 61 13.32 3.04 -5.51
N ASP A 62 12.93 4.20 -6.02
CA ASP A 62 13.91 5.13 -6.58
C ASP A 62 14.91 5.58 -5.53
N PHE A 63 14.48 5.67 -4.25
CA PHE A 63 15.45 5.97 -3.21
C PHE A 63 16.38 4.80 -2.94
N ILE A 64 15.80 3.62 -2.78
CA ILE A 64 16.59 2.47 -2.38
C ILE A 64 17.72 2.23 -3.38
N ILE A 65 17.42 2.34 -4.66
CA ILE A 65 18.41 1.96 -5.67
C ILE A 65 19.64 2.89 -5.67
N GLN A 66 19.53 4.09 -5.09
CA GLN A 66 20.69 4.98 -4.94
C GLN A 66 21.77 4.34 -4.07
N ASN A 67 21.39 3.39 -3.23
CA ASN A 67 22.30 2.79 -2.26
C ASN A 67 22.75 1.38 -2.61
N LEU A 68 22.38 0.95 -3.82
CA LEU A 68 22.72 -0.38 -4.32
C LEU A 68 23.81 -0.30 -5.37
N LYS A 69 24.46 -1.42 -5.64
CA LYS A 69 25.47 -1.49 -6.69
C LYS A 69 24.88 -2.22 -7.90
N ARG A 70 25.08 -1.65 -9.08
CA ARG A 70 24.41 -2.13 -10.29
C ARG A 70 24.88 -3.52 -10.70
N ASN A 71 25.98 -4.00 -10.15
CA ASN A 71 26.41 -5.34 -10.51
C ASN A 71 25.95 -6.40 -9.52
N SER A 72 25.09 -6.01 -8.56
CA SER A 72 24.64 -6.90 -7.49
C SER A 72 23.13 -7.10 -7.47
N SER A 73 22.72 -8.16 -6.79
CA SER A 73 21.32 -8.53 -6.63
C SER A 73 20.98 -8.54 -5.15
N TYR A 74 19.76 -8.13 -4.80
CA TYR A 74 19.38 -7.98 -3.40
C TYR A 74 18.00 -8.58 -3.16
N PHE A 75 17.89 -9.45 -2.16
CA PHE A 75 16.58 -9.96 -1.77
C PHE A 75 15.62 -8.87 -1.28
N LEU A 76 14.39 -8.95 -1.75
CA LEU A 76 13.24 -8.24 -1.21
C LEU A 76 12.49 -9.11 -0.21
N GLY A 77 11.67 -8.49 0.63
CA GLY A 77 10.82 -9.25 1.55
C GLY A 77 9.54 -9.71 0.87
N LEU A 78 9.72 -10.34 -0.28
CA LEU A 78 8.63 -10.71 -1.19
C LEU A 78 8.79 -12.16 -1.60
N SER A 79 7.77 -12.98 -1.38
CA SER A 79 7.90 -14.41 -1.67
C SER A 79 6.57 -15.07 -2.01
N ASP A 80 6.67 -16.27 -2.59
CA ASP A 80 5.52 -17.03 -3.07
C ASP A 80 5.74 -18.48 -2.65
N PRO A 81 5.62 -18.75 -1.34
CA PRO A 81 6.23 -19.97 -0.82
C PRO A 81 5.55 -21.23 -1.32
N GLY A 82 4.28 -21.12 -1.72
CA GLY A 82 3.55 -22.27 -2.22
C GLY A 82 3.62 -22.45 -3.73
N GLY A 83 4.27 -21.51 -4.41
CA GLY A 83 4.42 -21.61 -5.85
C GLY A 83 3.13 -21.41 -6.63
N ARG A 84 2.19 -20.66 -6.06
CA ARG A 84 0.90 -20.41 -6.72
C ARG A 84 0.74 -18.97 -7.23
N ARG A 85 1.84 -18.22 -7.24
CA ARG A 85 1.82 -16.79 -7.53
C ARG A 85 0.89 -16.04 -6.57
N HIS A 86 0.91 -16.47 -5.32
CA HIS A 86 0.22 -15.76 -4.26
C HIS A 86 1.25 -15.01 -3.42
N TRP A 87 1.74 -13.91 -3.98
CA TRP A 87 2.87 -13.20 -3.38
C TRP A 87 2.54 -12.64 -1.99
N GLN A 88 3.53 -12.75 -1.10
CA GLN A 88 3.45 -12.32 0.30
C GLN A 88 4.54 -11.31 0.57
N TRP A 89 4.23 -10.25 1.31
CA TRP A 89 5.27 -9.39 1.89
C TRP A 89 5.53 -9.80 3.34
N VAL A 90 6.78 -9.68 3.79
CA VAL A 90 7.18 -10.21 5.12
C VAL A 90 6.52 -9.48 6.27
N ASP A 91 5.90 -8.33 6.01
CA ASP A 91 5.25 -7.57 7.09
C ASP A 91 3.73 -7.67 7.00
N GLN A 92 3.27 -8.66 6.23
CA GLN A 92 1.84 -8.93 6.10
C GLN A 92 1.05 -7.74 5.58
N THR A 93 1.67 -6.97 4.68
CA THR A 93 0.97 -5.87 4.02
C THR A 93 0.60 -6.34 2.61
N PRO A 94 -0.38 -5.68 1.98
CA PRO A 94 -0.93 -6.24 0.74
C PRO A 94 0.02 -6.24 -0.45
N TYR A 95 -0.14 -7.25 -1.30
CA TYR A 95 0.57 -7.29 -2.58
C TYR A 95 -0.28 -6.65 -3.66
N ASN A 96 0.16 -5.50 -4.14
CA ASN A 96 -0.56 -4.67 -5.11
C ASN A 96 0.14 -4.75 -6.45
N GLU A 97 -0.43 -5.54 -7.35
CA GLU A 97 0.23 -5.81 -8.63
C GLU A 97 0.56 -4.54 -9.41
N ASN A 98 -0.25 -3.50 -9.27
CA ASN A 98 -0.04 -2.31 -10.09
C ASN A 98 1.03 -1.37 -9.52
N VAL A 99 1.58 -1.73 -8.36
CA VAL A 99 2.74 -1.03 -7.82
C VAL A 99 3.85 -2.04 -7.60
N THR A 100 4.16 -2.80 -8.66
CA THR A 100 5.29 -3.70 -8.63
C THR A 100 6.24 -3.31 -9.73
N PHE A 101 7.47 -3.79 -9.64
CA PHE A 101 8.49 -3.38 -10.59
C PHE A 101 9.28 -4.53 -11.19
N TRP A 102 8.56 -5.62 -11.48
CA TRP A 102 9.13 -6.76 -12.17
C TRP A 102 9.77 -6.35 -13.49
N HIS A 103 10.94 -6.91 -13.77
CA HIS A 103 11.52 -6.78 -15.10
C HIS A 103 10.60 -7.38 -16.14
N SER A 104 10.76 -6.99 -17.39
CA SER A 104 9.97 -7.56 -18.47
CA SER A 104 9.95 -7.55 -18.45
C SER A 104 10.08 -9.08 -18.51
N GLY A 105 8.93 -9.76 -18.49
CA GLY A 105 8.90 -11.20 -18.59
C GLY A 105 8.95 -11.88 -17.23
N GLU A 106 9.10 -11.08 -16.18
CA GLU A 106 9.11 -11.60 -14.81
C GLU A 106 7.79 -11.28 -14.09
N PRO A 107 7.43 -12.12 -13.09
CA PRO A 107 8.12 -13.33 -12.65
C PRO A 107 7.85 -14.49 -13.60
N ASN A 108 8.84 -15.36 -13.81
CA ASN A 108 8.70 -16.35 -14.86
C ASN A 108 8.78 -17.83 -14.46
N ASN A 109 8.94 -18.13 -13.18
CA ASN A 109 9.05 -19.54 -12.76
C ASN A 109 8.31 -19.87 -11.47
N LEU A 110 7.38 -20.83 -11.52
CA LEU A 110 6.67 -21.21 -10.30
C LEU A 110 7.63 -21.77 -9.26
N ASP A 111 8.80 -22.24 -9.69
CA ASP A 111 9.72 -22.82 -8.74
C ASP A 111 10.73 -21.79 -8.20
N GLU A 112 10.66 -20.56 -8.73
CA GLU A 112 11.44 -19.43 -8.20
C GLU A 112 10.52 -18.65 -7.25
N ARG A 113 10.68 -18.86 -5.94
CA ARG A 113 9.65 -18.42 -5.01
C ARG A 113 10.06 -17.24 -4.12
N CYS A 114 11.19 -16.60 -4.44
CA CYS A 114 11.62 -15.39 -3.71
C CYS A 114 11.97 -14.32 -4.73
N ALA A 115 11.90 -13.07 -4.34
CA ALA A 115 12.17 -11.99 -5.28
C ALA A 115 13.45 -11.24 -4.92
N ILE A 116 14.17 -10.79 -5.96
CA ILE A 116 15.33 -9.91 -5.80
C ILE A 116 15.13 -8.66 -6.61
N ILE A 117 15.83 -7.60 -6.24
CA ILE A 117 15.95 -6.42 -7.09
C ILE A 117 17.36 -6.39 -7.69
N ASN A 118 17.42 -6.16 -9.00
CA ASN A 118 18.71 -5.98 -9.65
C ASN A 118 18.57 -5.17 -10.92
N PHE A 119 19.69 -4.96 -11.59
CA PHE A 119 19.78 -4.09 -12.74
C PHE A 119 19.93 -4.90 -14.02
N ARG A 120 19.10 -4.59 -15.01
CA ARG A 120 19.17 -5.23 -16.32
C ARG A 120 19.37 -4.15 -17.37
N SER A 121 20.18 -4.45 -18.38
CA SER A 121 20.45 -3.51 -19.47
C SER A 121 19.16 -2.86 -19.99
N SER A 122 19.23 -1.54 -20.18
CA SER A 122 18.13 -0.70 -20.67
C SER A 122 16.94 -0.64 -19.73
N GLU A 123 16.55 -1.75 -19.11
CA GLU A 123 15.42 -1.73 -18.19
C GLU A 123 15.78 -1.15 -16.83
N GLU A 124 17.09 -1.05 -16.59
CA GLU A 124 17.60 -0.55 -15.32
C GLU A 124 17.10 -1.40 -14.16
N TRP A 125 16.73 -0.79 -13.04
CA TRP A 125 16.39 -1.60 -11.86
C TRP A 125 14.98 -2.17 -11.93
N GLY A 126 14.82 -3.40 -11.44
CA GLY A 126 13.54 -4.08 -11.46
C GLY A 126 13.62 -5.38 -10.68
N TRP A 127 12.53 -6.12 -10.65
CA TRP A 127 12.49 -7.32 -9.82
C TRP A 127 12.52 -8.60 -10.66
N ASN A 128 13.10 -9.65 -10.06
CA ASN A 128 13.16 -10.97 -10.68
C ASN A 128 12.80 -12.01 -9.64
N ASP A 129 12.01 -13.03 -10.00
CA ASP A 129 11.86 -14.16 -9.10
C ASP A 129 13.06 -15.09 -9.26
N ILE A 130 13.57 -15.56 -8.12
CA ILE A 130 14.68 -16.52 -8.13
C ILE A 130 14.49 -17.60 -7.07
N HIS A 131 15.30 -18.64 -7.15
CA HIS A 131 15.30 -19.67 -6.11
C HIS A 131 15.75 -19.10 -4.77
N CYS A 132 14.97 -19.40 -3.73
CA CYS A 132 15.20 -18.82 -2.41
C CYS A 132 16.53 -19.25 -1.80
N HIS A 133 17.01 -20.43 -2.16
CA HIS A 133 18.22 -20.97 -1.54
C HIS A 133 19.51 -20.36 -2.08
N VAL A 134 19.45 -19.69 -3.21
CA VAL A 134 20.65 -19.13 -3.81
C VAL A 134 21.08 -17.90 -3.01
N PRO A 135 22.32 -17.90 -2.51
CA PRO A 135 22.78 -16.79 -1.66
C PRO A 135 22.80 -15.46 -2.41
N GLN A 136 22.27 -14.41 -1.77
CA GLN A 136 22.36 -13.06 -2.31
C GLN A 136 22.54 -12.06 -1.18
N LYS A 137 22.85 -10.83 -1.59
CA LYS A 137 22.81 -9.70 -0.68
CA LYS A 137 22.80 -9.69 -0.68
C LYS A 137 21.35 -9.41 -0.35
N SER A 138 21.11 -8.47 0.57
CA SER A 138 19.73 -8.14 0.94
C SER A 138 19.60 -6.72 1.44
N ILE A 139 18.35 -6.28 1.56
CA ILE A 139 18.03 -4.96 2.07
C ILE A 139 17.07 -5.12 3.24
N CYS A 140 17.41 -4.51 4.38
CA CYS A 140 16.51 -4.55 5.53
C CYS A 140 15.86 -3.19 5.73
N LYS A 141 14.64 -3.19 6.24
CA LYS A 141 13.88 -1.97 6.44
C LYS A 141 13.17 -1.98 7.80
N MET A 142 13.18 -0.84 8.48
CA MET A 142 12.37 -0.68 9.69
C MET A 142 11.94 0.79 9.87
N LYS A 143 11.05 1.03 10.83
CA LYS A 143 10.58 2.40 11.05
C LYS A 143 11.67 3.21 11.72
N LYS A 144 11.68 4.51 11.42
CA LYS A 144 12.54 5.44 12.13
C LYS A 144 12.09 5.58 13.58
N ILE A 145 13.04 5.97 14.42
CA ILE A 145 12.85 6.26 15.83
C ILE A 145 12.69 7.77 15.98
N TYR A 146 11.75 8.22 16.81
CA TYR A 146 11.63 9.64 17.11
C TYR A 146 12.13 9.92 18.52
N ILE A 147 12.90 11.00 18.68
CA ILE A 147 13.39 11.39 19.99
C ILE A 147 13.08 12.87 20.23
N ALA B 1 -3.91 -9.33 15.11
CA ALA B 1 -4.11 -10.69 14.60
C ALA B 1 -4.64 -10.62 13.18
N LEU B 2 -4.73 -11.78 12.56
CA LEU B 2 -5.30 -11.88 11.23
C LEU B 2 -6.61 -12.66 11.27
N THR B 3 -7.61 -12.17 10.53
CA THR B 3 -8.85 -12.91 10.38
C THR B 3 -8.87 -13.55 9.00
N CYS B 4 -8.88 -14.88 8.96
CA CYS B 4 -8.63 -15.62 7.72
C CYS B 4 -9.77 -16.53 7.33
N VAL B 5 -10.05 -16.61 6.03
CA VAL B 5 -11.05 -17.55 5.52
C VAL B 5 -10.53 -18.17 4.24
N MET B 6 -11.08 -19.33 3.87
CA MET B 6 -10.75 -19.91 2.57
C MET B 6 -11.49 -19.18 1.47
N GLU B 7 -10.75 -18.65 0.50
CA GLU B 7 -11.36 -18.16 -0.73
C GLU B 7 -11.43 -19.33 -1.70
N GLY B 8 -12.62 -19.60 -2.22
CA GLY B 8 -12.83 -20.73 -3.12
C GLY B 8 -12.44 -20.38 -4.54
N LYS B 9 -13.25 -20.82 -5.50
CA LYS B 9 -13.08 -20.44 -6.90
C LYS B 9 -11.71 -20.84 -7.46
N ASP B 10 -10.90 -19.85 -7.81
CA ASP B 10 -9.60 -20.07 -8.45
C ASP B 10 -8.42 -19.79 -7.52
N ILE B 11 -8.71 -19.30 -6.32
CA ILE B 11 -7.65 -18.99 -5.36
C ILE B 11 -7.28 -20.23 -4.53
N GLU B 12 -8.28 -20.94 -4.02
CA GLU B 12 -8.08 -22.22 -3.32
C GLU B 12 -7.10 -22.10 -2.15
N ASP B 13 -7.07 -20.94 -1.51
CA ASP B 13 -6.06 -20.64 -0.51
C ASP B 13 -6.69 -19.80 0.61
N TRP B 14 -6.05 -19.79 1.79
CA TRP B 14 -6.49 -18.91 2.86
C TRP B 14 -6.08 -17.47 2.55
N SER B 15 -6.96 -16.51 2.84
CA SER B 15 -6.51 -15.11 2.78
C SER B 15 -7.12 -14.35 3.95
N CYS B 16 -6.49 -13.25 4.31
CA CYS B 16 -6.73 -12.65 5.63
C CYS B 16 -6.86 -11.15 5.63
N CYS B 17 -7.53 -10.63 6.66
CA CYS B 17 -7.55 -9.19 6.97
C CYS B 17 -7.00 -9.00 8.36
N PRO B 18 -6.24 -7.92 8.57
CA PRO B 18 -5.82 -7.64 9.94
C PRO B 18 -6.99 -7.23 10.82
N THR B 19 -6.98 -7.65 12.08
CA THR B 19 -8.01 -7.20 13.01
C THR B 19 -7.85 -5.69 13.24
N PRO B 20 -8.98 -4.98 13.45
CA PRO B 20 -10.36 -5.46 13.39
C PRO B 20 -11.03 -5.13 12.05
N TRP B 21 -10.28 -5.20 10.95
CA TRP B 21 -10.83 -4.85 9.63
C TRP B 21 -11.91 -5.84 9.20
N THR B 22 -12.88 -5.38 8.43
CA THR B 22 -13.96 -6.25 7.95
C THR B 22 -13.65 -6.77 6.55
N SER B 23 -14.07 -7.99 6.25
CA SER B 23 -13.76 -8.58 4.94
CA SER B 23 -13.76 -8.61 4.97
C SER B 23 -14.98 -8.60 4.04
N PHE B 24 -14.72 -8.39 2.75
CA PHE B 24 -15.73 -8.53 1.69
C PHE B 24 -15.06 -8.89 0.38
N GLN B 25 -15.50 -9.99 -0.21
CA GLN B 25 -14.83 -10.60 -1.37
C GLN B 25 -13.33 -10.72 -1.11
N SER B 26 -12.50 -10.07 -1.92
CA SER B 26 -11.07 -10.23 -1.77
C SER B 26 -10.40 -9.01 -1.16
N SER B 27 -11.17 -8.20 -0.43
CA SER B 27 -10.65 -6.96 0.16
C SER B 27 -10.97 -6.84 1.64
N CYS B 28 -10.28 -5.90 2.30
CA CYS B 28 -10.47 -5.55 3.70
C CYS B 28 -10.86 -4.09 3.83
N TYR B 29 -11.74 -3.79 4.78
CA TYR B 29 -12.27 -2.44 4.95
C TYR B 29 -12.17 -1.94 6.39
N PHE B 30 -11.94 -0.64 6.54
CA PHE B 30 -11.85 -0.03 7.85
C PHE B 30 -12.48 1.37 7.81
N ILE B 31 -13.29 1.69 8.80
CA ILE B 31 -13.90 3.02 8.85
C ILE B 31 -13.12 3.87 9.84
N SER B 32 -12.52 4.94 9.33
N SER B 32 -12.52 4.94 9.33
CA SER B 32 -11.77 5.87 10.17
CA SER B 32 -11.77 5.87 10.19
C SER B 32 -12.69 6.99 10.65
C SER B 32 -12.66 7.00 10.65
N THR B 33 -12.99 6.99 11.94
CA THR B 33 -13.94 7.95 12.50
C THR B 33 -13.33 9.32 12.85
N GLY B 34 -12.01 9.46 12.72
CA GLY B 34 -11.37 10.75 12.94
C GLY B 34 -11.73 11.73 11.83
N MET B 35 -11.70 13.02 12.13
CA MET B 35 -12.04 14.03 11.14
C MET B 35 -10.76 14.61 10.54
N GLN B 36 -10.50 14.30 9.27
CA GLN B 36 -9.29 14.75 8.60
C GLN B 36 -9.56 15.17 7.16
N SER B 37 -8.64 15.96 6.60
CA SER B 37 -8.70 16.32 5.19
C SER B 37 -8.55 15.08 4.33
N TRP B 38 -8.83 15.19 3.05
CA TRP B 38 -8.68 14.06 2.13
C TRP B 38 -7.22 13.60 2.11
N THR B 39 -6.29 14.54 2.01
CA THR B 39 -4.88 14.17 1.95
C THR B 39 -4.45 13.47 3.23
N LYS B 40 -4.88 13.98 4.38
CA LYS B 40 -4.49 13.40 5.66
C LYS B 40 -5.21 12.07 5.90
N SER B 41 -6.41 11.97 5.38
CA SER B 41 -7.15 10.70 5.42
C SER B 41 -6.44 9.63 4.60
N GLN B 42 -5.98 9.98 3.40
CA GLN B 42 -5.23 9.04 2.58
C GLN B 42 -3.92 8.62 3.25
N LYS B 43 -3.23 9.57 3.88
CA LYS B 43 -1.99 9.27 4.60
C LYS B 43 -2.25 8.27 5.72
N ASN B 44 -3.33 8.51 6.43
CA ASN B 44 -3.79 7.66 7.49
C ASN B 44 -4.10 6.21 7.05
N CYS B 45 -4.79 6.07 5.92
CA CYS B 45 -5.01 4.75 5.33
C CYS B 45 -3.68 4.11 4.96
N SER B 46 -2.79 4.94 4.41
CA SER B 46 -1.50 4.48 3.90
CA SER B 46 -1.51 4.48 3.90
C SER B 46 -0.67 3.86 5.00
N VAL B 47 -0.63 4.49 6.17
CA VAL B 47 0.21 3.99 7.26
C VAL B 47 -0.28 2.64 7.74
N MET B 48 -1.55 2.32 7.45
CA MET B 48 -2.11 1.04 7.85
C MET B 48 -1.98 0.00 6.74
N GLY B 49 -1.32 0.39 5.64
CA GLY B 49 -1.05 -0.54 4.55
C GLY B 49 -2.10 -0.50 3.48
N ALA B 50 -2.99 0.48 3.59
CA ALA B 50 -4.15 0.55 2.69
C ALA B 50 -4.18 1.84 1.88
N ASP B 51 -5.36 2.18 1.36
CA ASP B 51 -5.59 3.44 0.64
C ASP B 51 -7.04 3.83 0.91
N LEU B 52 -7.41 5.07 0.61
CA LEU B 52 -8.81 5.44 0.66
C LEU B 52 -9.60 4.52 -0.27
N VAL B 53 -10.84 4.25 0.11
CA VAL B 53 -11.63 3.22 -0.57
C VAL B 53 -11.84 3.49 -2.06
N VAL B 54 -11.71 2.42 -2.84
CA VAL B 54 -12.05 2.43 -4.25
C VAL B 54 -13.31 1.56 -4.42
N ILE B 55 -14.32 2.11 -5.09
CA ILE B 55 -15.60 1.39 -5.24
C ILE B 55 -15.78 0.99 -6.70
N ASN B 56 -15.71 -0.31 -6.95
CA ASN B 56 -15.72 -0.83 -8.32
C ASN B 56 -17.09 -1.37 -8.76
N THR B 57 -17.89 -1.78 -7.78
CA THR B 57 -19.15 -2.44 -8.08
C THR B 57 -20.25 -1.98 -7.15
N ARG B 58 -21.50 -2.21 -7.57
CA ARG B 58 -22.64 -1.94 -6.70
C ARG B 58 -22.57 -2.76 -5.41
N GLU B 59 -22.02 -3.97 -5.50
CA GLU B 59 -21.91 -4.83 -4.31
C GLU B 59 -20.98 -4.22 -3.27
N GLU B 60 -19.84 -3.71 -3.72
CA GLU B 60 -18.90 -3.05 -2.82
C GLU B 60 -19.57 -1.82 -2.19
N GLN B 61 -20.23 -1.02 -3.02
CA GLN B 61 -20.95 0.16 -2.52
C GLN B 61 -21.94 -0.23 -1.42
N ASP B 62 -22.69 -1.30 -1.65
CA ASP B 62 -23.67 -1.73 -0.69
C ASP B 62 -23.05 -2.29 0.59
N PHE B 63 -21.96 -3.03 0.46
CA PHE B 63 -21.28 -3.55 1.65
C PHE B 63 -20.75 -2.40 2.50
N ILE B 64 -20.10 -1.45 1.84
CA ILE B 64 -19.55 -0.29 2.55
C ILE B 64 -20.65 0.44 3.32
N ILE B 65 -21.81 0.62 2.69
CA ILE B 65 -22.92 1.35 3.30
C ILE B 65 -23.37 0.72 4.62
N GLN B 66 -23.34 -0.61 4.68
CA GLN B 66 -23.71 -1.33 5.90
C GLN B 66 -22.91 -0.87 7.11
N ASN B 67 -21.68 -0.42 6.87
CA ASN B 67 -20.74 -0.05 7.91
C ASN B 67 -20.76 1.42 8.29
N LEU B 68 -21.65 2.21 7.69
CA LEU B 68 -21.63 3.66 7.85
C LEU B 68 -22.78 4.19 8.72
N LYS B 69 -22.63 5.42 9.22
CA LYS B 69 -23.68 6.12 9.97
C LYS B 69 -24.34 7.20 9.11
N ARG B 70 -25.67 7.21 9.07
CA ARG B 70 -26.39 8.14 8.19
C ARG B 70 -26.15 9.61 8.51
N ASN B 71 -25.71 9.90 9.74
CA ASN B 71 -25.43 11.28 10.10
C ASN B 71 -24.03 11.73 9.68
N SER B 72 -23.27 10.84 9.03
CA SER B 72 -21.87 11.14 8.72
C SER B 72 -21.53 11.13 7.23
N SER B 73 -20.43 11.80 6.90
CA SER B 73 -19.86 11.80 5.56
C SER B 73 -18.47 11.17 5.58
N TYR B 74 -18.13 10.42 4.54
CA TYR B 74 -16.86 9.69 4.48
C TYR B 74 -16.16 9.90 3.14
N PHE B 75 -14.90 10.32 3.20
CA PHE B 75 -14.08 10.44 2.00
C PHE B 75 -13.89 9.11 1.25
N LEU B 76 -13.97 9.18 -0.06
CA LEU B 76 -13.61 8.10 -0.96
C LEU B 76 -12.25 8.38 -1.57
N GLY B 77 -11.61 7.36 -2.11
CA GLY B 77 -10.34 7.51 -2.81
C GLY B 77 -10.53 7.99 -4.22
N LEU B 78 -11.42 8.96 -4.38
CA LEU B 78 -11.86 9.45 -5.68
C LEU B 78 -11.65 10.95 -5.73
N SER B 79 -10.89 11.43 -6.71
CA SER B 79 -10.55 12.85 -6.76
C SER B 79 -10.42 13.37 -8.21
N ASP B 80 -10.50 14.68 -8.34
CA ASP B 80 -10.35 15.36 -9.62
C ASP B 80 -9.30 16.45 -9.46
N PRO B 81 -8.02 16.04 -9.32
CA PRO B 81 -6.94 16.97 -8.95
C PRO B 81 -6.72 18.09 -9.96
N GLY B 82 -7.01 17.83 -11.24
CA GLY B 82 -6.80 18.82 -12.29
C GLY B 82 -8.01 19.70 -12.52
N GLY B 83 -9.11 19.38 -11.85
CA GLY B 83 -10.31 20.20 -11.89
C GLY B 83 -11.06 20.22 -13.20
N ARG B 84 -10.83 19.23 -14.04
CA ARG B 84 -11.52 19.16 -15.33
C ARG B 84 -12.41 17.93 -15.42
N ARG B 85 -12.86 17.47 -14.26
CA ARG B 85 -13.79 16.34 -14.16
C ARG B 85 -13.20 15.06 -14.75
N HIS B 86 -11.89 14.90 -14.63
CA HIS B 86 -11.24 13.65 -14.96
C HIS B 86 -11.02 12.87 -13.67
N TRP B 87 -12.08 12.26 -13.15
CA TRP B 87 -12.01 11.59 -11.86
C TRP B 87 -11.03 10.42 -11.90
N GLN B 88 -10.28 10.26 -10.82
CA GLN B 88 -9.31 9.18 -10.74
C GLN B 88 -9.37 8.50 -9.38
N TRP B 89 -9.17 7.19 -9.39
CA TRP B 89 -9.11 6.43 -8.15
C TRP B 89 -7.67 6.43 -7.62
N VAL B 90 -7.55 6.52 -6.30
CA VAL B 90 -6.27 6.83 -5.65
C VAL B 90 -5.18 5.78 -5.89
N ASP B 91 -5.59 4.58 -6.29
CA ASP B 91 -4.62 3.51 -6.53
C ASP B 91 -4.49 3.22 -8.01
N GLN B 92 -4.81 4.22 -8.82
CA GLN B 92 -4.66 4.17 -10.28
C GLN B 92 -5.61 3.16 -10.94
N THR B 93 -6.60 2.69 -10.20
CA THR B 93 -7.68 1.89 -10.78
C THR B 93 -8.42 2.72 -11.83
N PRO B 94 -8.63 2.17 -13.04
CA PRO B 94 -9.40 2.84 -14.09
C PRO B 94 -10.80 3.25 -13.65
N TYR B 95 -11.17 4.50 -13.93
CA TYR B 95 -12.46 5.04 -13.54
C TYR B 95 -13.54 4.73 -14.56
N ASN B 96 -14.60 4.04 -14.12
CA ASN B 96 -15.68 3.64 -15.00
C ASN B 96 -17.00 4.35 -14.68
N GLU B 97 -17.45 5.23 -15.57
CA GLU B 97 -18.60 6.09 -15.29
C GLU B 97 -19.92 5.32 -15.27
N ASN B 98 -19.94 4.11 -15.84
CA ASN B 98 -21.16 3.31 -15.85
C ASN B 98 -21.42 2.62 -14.52
N VAL B 99 -20.44 2.65 -13.62
CA VAL B 99 -20.61 2.15 -12.26
C VAL B 99 -20.23 3.23 -11.24
N THR B 100 -21.03 4.29 -11.20
CA THR B 100 -20.84 5.36 -10.24
C THR B 100 -22.14 5.58 -9.48
N PHE B 101 -22.06 6.27 -8.36
CA PHE B 101 -23.23 6.42 -7.50
C PHE B 101 -23.36 7.85 -7.00
N TRP B 102 -23.12 8.80 -7.90
CA TRP B 102 -23.27 10.22 -7.59
C TRP B 102 -24.71 10.54 -7.18
N HIS B 103 -24.87 11.34 -6.13
CA HIS B 103 -26.17 11.93 -5.80
C HIS B 103 -26.70 12.72 -7.00
N SER B 104 -28.00 12.99 -7.01
CA SER B 104 -28.59 13.80 -8.07
C SER B 104 -27.99 15.21 -8.10
N GLY B 105 -27.52 15.62 -9.27
CA GLY B 105 -26.93 16.93 -9.42
C GLY B 105 -25.42 16.94 -9.24
N GLU B 106 -24.87 15.81 -8.79
CA GLU B 106 -23.45 15.73 -8.50
C GLU B 106 -22.69 14.95 -9.58
N PRO B 107 -21.40 15.26 -9.78
CA PRO B 107 -20.65 16.33 -9.12
C PRO B 107 -21.04 17.69 -9.70
N ASN B 108 -20.96 18.76 -8.92
CA ASN B 108 -21.54 20.03 -9.37
C ASN B 108 -20.62 21.24 -9.30
N ASN B 109 -19.35 21.04 -8.96
CA ASN B 109 -18.46 22.18 -8.75
C ASN B 109 -17.01 21.86 -9.03
N LEU B 110 -16.44 22.51 -10.05
CA LEU B 110 -15.05 22.29 -10.41
C LEU B 110 -14.09 22.58 -9.24
N ASP B 111 -14.58 23.35 -8.28
CA ASP B 111 -13.79 23.76 -7.12
C ASP B 111 -13.75 22.67 -6.04
N GLU B 112 -14.69 21.74 -6.14
CA GLU B 112 -14.79 20.59 -5.23
C GLU B 112 -14.15 19.39 -5.89
N ARG B 113 -12.94 19.04 -5.44
CA ARG B 113 -12.16 18.07 -6.19
CA ARG B 113 -12.11 18.09 -6.16
C ARG B 113 -11.95 16.74 -5.47
N CYS B 114 -12.71 16.52 -4.41
CA CYS B 114 -12.67 15.25 -3.68
C CYS B 114 -14.08 14.73 -3.44
N ALA B 115 -14.25 13.40 -3.43
CA ALA B 115 -15.58 12.84 -3.29
C ALA B 115 -15.81 12.26 -1.91
N ILE B 116 -17.02 12.46 -1.39
CA ILE B 116 -17.47 11.78 -0.18
C ILE B 116 -18.67 10.91 -0.47
N ILE B 117 -18.93 9.96 0.42
CA ILE B 117 -20.20 9.24 0.41
C ILE B 117 -21.02 9.67 1.64
N ASN B 118 -22.29 9.99 1.41
CA ASN B 118 -23.18 10.29 2.52
C ASN B 118 -24.63 10.03 2.16
N PHE B 119 -25.52 10.30 3.11
CA PHE B 119 -26.92 9.90 2.98
C PHE B 119 -27.81 11.12 2.80
N ARG B 120 -28.60 11.12 1.73
CA ARG B 120 -29.65 12.12 1.54
C ARG B 120 -31.00 11.40 1.59
N SER B 121 -31.95 11.97 2.33
CA SER B 121 -33.23 11.31 2.54
CA SER B 121 -33.26 11.37 2.54
C SER B 121 -34.00 11.09 1.24
N SER B 122 -33.80 11.96 0.25
CA SER B 122 -34.52 11.87 -1.01
C SER B 122 -34.08 10.71 -1.92
N GLU B 123 -32.92 10.13 -1.63
CA GLU B 123 -32.38 9.09 -2.52
C GLU B 123 -31.29 8.27 -1.85
N GLU B 124 -31.31 8.26 -0.52
CA GLU B 124 -30.44 7.41 0.28
C GLU B 124 -28.96 7.74 0.06
N TRP B 125 -28.14 6.72 -0.15
CA TRP B 125 -26.70 6.94 -0.19
C TRP B 125 -26.17 7.27 -1.58
N GLY B 126 -25.12 8.09 -1.61
CA GLY B 126 -24.51 8.45 -2.87
C GLY B 126 -23.28 9.30 -2.67
N TRP B 127 -22.70 9.75 -3.77
CA TRP B 127 -21.44 10.47 -3.75
C TRP B 127 -21.68 11.96 -3.97
N ASN B 128 -20.83 12.78 -3.36
CA ASN B 128 -20.87 14.21 -3.58
C ASN B 128 -19.44 14.71 -3.72
N ASP B 129 -19.19 15.65 -4.63
CA ASP B 129 -17.88 16.28 -4.67
C ASP B 129 -17.87 17.41 -3.64
N ILE B 130 -16.83 17.46 -2.81
CA ILE B 130 -16.66 18.52 -1.81
C ILE B 130 -15.23 19.07 -1.82
N HIS B 131 -15.00 20.14 -1.06
CA HIS B 131 -13.66 20.68 -0.89
C HIS B 131 -12.78 19.66 -0.15
N CYS B 132 -11.61 19.40 -0.73
CA CYS B 132 -10.71 18.37 -0.21
C CYS B 132 -10.20 18.71 1.19
N HIS B 133 -10.08 20.00 1.49
CA HIS B 133 -9.46 20.42 2.74
C HIS B 133 -10.42 20.31 3.93
N VAL B 134 -11.70 20.14 3.64
CA VAL B 134 -12.73 20.02 4.68
C VAL B 134 -12.63 18.68 5.41
N PRO B 135 -12.37 18.71 6.73
CA PRO B 135 -12.18 17.47 7.50
C PRO B 135 -13.42 16.58 7.51
N GLN B 136 -13.23 15.29 7.20
CA GLN B 136 -14.33 14.34 7.21
C GLN B 136 -13.85 13.01 7.78
N LYS B 137 -14.79 12.10 8.03
CA LYS B 137 -14.42 10.71 8.28
C LYS B 137 -13.99 10.09 6.95
N SER B 138 -13.57 8.82 6.98
CA SER B 138 -13.09 8.20 5.76
C SER B 138 -13.20 6.68 5.83
N ILE B 139 -13.09 6.04 4.67
CA ILE B 139 -13.10 4.58 4.55
C ILE B 139 -11.81 4.11 3.89
N CYS B 140 -11.14 3.14 4.50
CA CYS B 140 -9.92 2.57 3.91
C CYS B 140 -10.22 1.18 3.36
N LYS B 141 -9.50 0.80 2.32
CA LYS B 141 -9.65 -0.52 1.70
C LYS B 141 -8.29 -1.02 1.26
N MET B 142 -8.03 -2.31 1.45
CA MET B 142 -6.84 -2.90 0.85
C MET B 142 -7.15 -4.33 0.50
N LYS B 143 -6.26 -4.94 -0.28
CA LYS B 143 -6.39 -6.34 -0.63
C LYS B 143 -6.15 -7.24 0.57
N LYS B 144 -6.82 -8.39 0.58
CA LYS B 144 -6.52 -9.41 1.56
C LYS B 144 -5.12 -9.93 1.35
N ILE B 145 -4.54 -10.50 2.40
CA ILE B 145 -3.18 -11.00 2.28
C ILE B 145 -3.12 -12.52 2.41
N TYR B 146 -2.09 -13.08 1.80
CA TYR B 146 -1.72 -14.47 1.96
C TYR B 146 -0.65 -14.60 3.03
N ILE B 147 -0.72 -15.66 3.83
CA ILE B 147 0.35 -15.96 4.78
C ILE B 147 0.86 -17.39 4.67
C1 MMA C . 17.54 -15.70 -16.22
C1 MMA C . 17.95 -16.75 -15.19
C2 MMA C . 16.04 -15.43 -16.31
C2 MMA C . 17.39 -16.51 -13.80
C3 MMA C . 15.46 -15.18 -14.93
C3 MMA C . 15.88 -16.35 -13.87
C4 MMA C . 15.82 -16.32 -14.00
C4 MMA C . 15.54 -15.24 -14.86
C5 MMA C . 17.33 -16.51 -13.98
C5 MMA C . 16.18 -15.54 -16.21
C6 MMA C . 17.75 -17.66 -13.08
C6 MMA C . 15.85 -14.43 -17.21
C7 MMA C . 19.64 -14.61 -15.89
C7 MMA C . 18.15 -18.46 -16.83
O1 MMA C . 18.20 -14.51 -15.80
O1 MMA C . 17.40 -17.96 -15.71
O2 MMA C . 15.38 -16.58 -16.86
O2 MMA C . 17.97 -15.32 -13.27
O3 MMA C . 14.04 -15.09 -14.98
O3 MMA C . 15.32 -16.01 -12.59
O4 MMA C . 15.30 -16.02 -12.69
O4 MMA C . 14.12 -15.17 -14.95
O5 MMA C . 17.80 -16.77 -15.31
O5 MMA C . 17.60 -15.65 -16.04
O6 MMA C . 19.18 -17.72 -13.06
O6 MMA C . 16.63 -14.61 -18.40
CA CA D . 12.85 -15.32 -12.81
C1 MMA E . -23.44 21.75 -0.50
C2 MMA E . -22.19 20.93 -0.80
C3 MMA E . -22.04 20.65 -2.29
C4 MMA E . -23.32 20.02 -2.80
C5 MMA E . -24.52 20.91 -2.48
C6 MMA E . -25.82 20.22 -2.90
C7 MMA E . -24.32 23.94 -0.44
O1 MMA E . -23.32 23.08 -0.99
O2 MMA E . -22.30 19.68 -0.12
O3 MMA E . -20.96 19.74 -2.54
O4 MMA E . -23.18 19.80 -4.20
O5 MMA E . -24.60 21.14 -1.07
O6 MMA E . -26.93 20.84 -2.23
CA CA F . -20.84 18.99 -4.76
MG MG G . 0.48 2.03 -0.15
MG MG H . 2.83 -19.63 5.53
#